data_4IVD
#
_entry.id   4IVD
#
_cell.length_a   42.795
_cell.length_b   173.608
_cell.length_c   44.629
_cell.angle_alpha   90.00
_cell.angle_beta   94.53
_cell.angle_gamma   90.00
#
_symmetry.space_group_name_H-M   'P 1 21 1'
#
loop_
_entity.id
_entity.type
_entity.pdbx_description
1 polymer 'Tyrosine-protein kinase JAK1'
2 non-polymer 3-(trans-4-{2-[(1R)-1-hydroxyethyl]imidazo[4,5-d]pyrrolo[2,3-b]pyridin-1(6H)-yl}cyclohexyl)propanenitrile
3 water water
#
_entity_poly.entity_id   1
_entity_poly.type   'polypeptide(L)'
_entity_poly.pdbx_seq_one_letter_code
;GDIVSEKKPATEVDPTHFEKRFLKRIRDLGEGHFGKVELCRYDPEGDNTGEQVAVKSLKPESGGNHIADLKKEIEILRNL
YHENIVKYKGICTEDGGNGIKLIMEFLPSGSLKEYLPKNKNKINLKQQLKYAVQICKGMDYLGSRQYVHRDLAARNVLVE
SEHQVKIGDFGLTKAIETDKE(PTR)(PTR)TVKDDRDSPVFWYAPECLMQSKFYIASDVWSFGVTLHELLTYCDSDSSP
MALFLKMIGPTHGQMTVTRLVNTLKEGKRLPCPPNCPDEVYQLMRKCWEFQPSNRTSFQNLIEGFEALLK
;
_entity_poly.pdbx_strand_id   A,B
#
# COMPACT_ATOMS: atom_id res chain seq x y z
N GLY A 1 37.29 43.59 -45.46
CA GLY A 1 38.63 42.92 -45.45
C GLY A 1 38.57 41.50 -44.90
N ASP A 2 39.41 41.22 -43.90
CA ASP A 2 39.53 39.88 -43.32
C ASP A 2 38.24 39.44 -42.61
N ILE A 3 38.04 38.13 -42.53
CA ILE A 3 36.92 37.56 -41.79
C ILE A 3 36.97 38.12 -40.38
N VAL A 4 35.84 38.62 -39.88
CA VAL A 4 35.79 39.05 -38.48
C VAL A 4 35.32 37.89 -37.61
N SER A 5 35.96 37.75 -36.46
CA SER A 5 35.60 36.73 -35.48
C SER A 5 35.65 37.36 -34.10
N GLU A 6 35.29 36.58 -33.08
CA GLU A 6 35.25 37.09 -31.72
C GLU A 6 36.60 36.90 -31.03
N LYS A 7 37.07 37.97 -30.37
CA LYS A 7 38.22 37.91 -29.47
C LYS A 7 37.85 36.94 -28.35
N LYS A 8 38.72 35.99 -28.04
CA LYS A 8 38.39 34.98 -27.04
C LYS A 8 38.74 35.44 -25.63
N PRO A 9 37.77 35.38 -24.70
CA PRO A 9 38.10 35.64 -23.30
C PRO A 9 39.00 34.54 -22.74
N ALA A 10 39.98 34.91 -21.92
CA ALA A 10 40.82 33.92 -21.25
C ALA A 10 39.95 33.02 -20.37
N THR A 11 39.96 31.71 -20.63
CA THR A 11 39.06 30.78 -19.97
C THR A 11 39.73 30.11 -18.77
N GLU A 12 39.28 30.47 -17.56
CA GLU A 12 39.72 29.80 -16.34
C GLU A 12 39.07 28.42 -16.23
N VAL A 13 39.63 27.55 -15.41
CA VAL A 13 39.01 26.25 -15.14
C VAL A 13 38.15 26.34 -13.90
N ASP A 14 36.98 25.69 -13.97
CA ASP A 14 36.12 25.51 -12.81
C ASP A 14 36.41 24.11 -12.30
N PRO A 15 36.95 24.00 -11.07
CA PRO A 15 37.29 22.68 -10.52
C PRO A 15 36.05 21.86 -10.17
N THR A 16 34.88 22.49 -10.24
CA THR A 16 33.62 21.78 -9.97
C THR A 16 32.90 21.40 -11.27
N HIS A 17 33.54 21.60 -12.41
CA HIS A 17 32.96 21.20 -13.67
C HIS A 17 33.69 20.04 -14.22
N PHE A 18 32.98 18.92 -14.32
CA PHE A 18 33.53 17.67 -14.80
C PHE A 18 33.05 17.47 -16.24
N GLU A 19 33.99 17.34 -17.15
CA GLU A 19 33.68 17.13 -18.56
C GLU A 19 33.25 15.70 -18.81
N LYS A 20 32.12 15.55 -19.50
CA LYS A 20 31.59 14.23 -19.80
C LYS A 20 32.63 13.33 -20.46
N ARG A 21 33.44 13.87 -21.38
CA ARG A 21 34.38 13.01 -22.11
C ARG A 21 35.47 12.37 -21.25
N PHE A 22 35.70 12.87 -20.03
CA PHE A 22 36.74 12.29 -19.15
C PHE A 22 36.17 11.46 -18.00
N LEU A 23 34.85 11.45 -17.87
CA LEU A 23 34.19 10.77 -16.75
C LEU A 23 33.84 9.35 -17.18
N LYS A 24 34.64 8.39 -16.72
CA LYS A 24 34.55 7.00 -17.18
C LYS A 24 33.97 6.04 -16.15
N ARG A 25 32.89 5.39 -16.55
CA ARG A 25 32.13 4.53 -15.65
C ARG A 25 32.91 3.27 -15.35
N ILE A 26 33.08 2.97 -14.06
CA ILE A 26 33.66 1.70 -13.62
C ILE A 26 32.57 0.68 -13.27
N ARG A 27 31.63 1.06 -12.39
CA ARG A 27 30.57 0.13 -11.99
C ARG A 27 29.45 0.82 -11.23
N ASP A 28 28.33 0.12 -11.07
CA ASP A 28 27.22 0.62 -10.26
C ASP A 28 27.51 0.51 -8.77
N LEU A 29 27.09 1.52 -8.03
CA LEU A 29 27.18 1.52 -6.55
C LEU A 29 25.83 1.30 -5.88
N GLY A 30 24.76 1.80 -6.51
CA GLY A 30 23.42 1.68 -5.96
C GLY A 30 22.43 2.42 -6.84
N GLU A 31 21.15 2.30 -6.52
CA GLU A 31 20.11 2.97 -7.28
C GLU A 31 18.80 3.11 -6.52
N GLY A 32 17.89 3.91 -7.09
CA GLY A 32 16.48 3.96 -6.68
C GLY A 32 15.64 3.66 -7.90
N HIS A 33 14.42 4.21 -7.94
CA HIS A 33 13.54 4.03 -9.11
C HIS A 33 13.76 5.10 -10.16
N PHE A 34 14.24 6.28 -9.75
CA PHE A 34 14.51 7.37 -10.68
C PHE A 34 16.00 7.74 -10.80
N GLY A 35 16.79 7.46 -9.76
CA GLY A 35 18.22 7.78 -9.76
C GLY A 35 19.12 6.59 -9.54
N LYS A 36 20.39 6.75 -9.92
CA LYS A 36 21.40 5.75 -9.64
C LYS A 36 22.77 6.37 -9.45
N VAL A 37 23.63 5.66 -8.73
CA VAL A 37 24.95 6.15 -8.47
C VAL A 37 25.95 5.15 -9.02
N GLU A 38 26.96 5.67 -9.69
CA GLU A 38 28.01 4.87 -10.29
C GLU A 38 29.38 5.31 -9.82
N LEU A 39 30.28 4.35 -9.69
CA LEU A 39 31.69 4.64 -9.51
C LEU A 39 32.31 4.95 -10.86
N CYS A 40 32.96 6.10 -10.95
CA CYS A 40 33.65 6.50 -12.15
C CYS A 40 35.05 6.90 -11.79
N ARG A 41 35.90 6.93 -12.79
CA ARG A 41 37.15 7.62 -12.67
C ARG A 41 37.11 8.84 -13.60
N TYR A 42 37.47 9.99 -13.05
CA TYR A 42 37.59 11.19 -13.85
C TYR A 42 39.02 11.25 -14.32
N ASP A 43 39.24 10.95 -15.59
CA ASP A 43 40.57 10.63 -16.07
C ASP A 43 41.02 11.51 -17.24
N PRO A 44 41.11 12.84 -17.02
CA PRO A 44 41.51 13.74 -18.09
C PRO A 44 42.86 13.41 -18.72
N GLU A 45 43.75 12.74 -18.00
CA GLU A 45 45.04 12.39 -18.59
C GLU A 45 45.00 11.05 -19.29
N GLY A 46 43.88 10.34 -19.14
CA GLY A 46 43.63 9.13 -19.92
C GLY A 46 44.52 7.94 -19.58
N ASP A 47 45.18 7.97 -18.42
CA ASP A 47 46.13 6.91 -18.05
C ASP A 47 45.72 6.17 -16.78
N ASN A 48 44.43 6.21 -16.48
CA ASN A 48 43.87 5.55 -15.30
C ASN A 48 44.50 6.06 -14.00
N THR A 49 44.88 7.34 -13.94
CA THR A 49 45.45 7.90 -12.70
C THR A 49 44.50 8.88 -12.03
N GLY A 50 43.42 9.24 -12.72
CA GLY A 50 42.49 10.25 -12.21
C GLY A 50 41.79 9.78 -10.96
N GLU A 51 41.15 10.69 -10.26
CA GLU A 51 40.50 10.26 -9.03
C GLU A 51 39.15 9.61 -9.27
N GLN A 52 38.82 8.70 -8.37
CA GLN A 52 37.58 7.98 -8.41
C GLN A 52 36.54 8.85 -7.77
N VAL A 53 35.35 8.88 -8.37
CA VAL A 53 34.23 9.67 -7.86
C VAL A 53 32.92 8.88 -7.95
N ALA A 54 31.97 9.21 -7.08
CA ALA A 54 30.62 8.69 -7.17
C ALA A 54 29.77 9.68 -8.00
N VAL A 55 29.11 9.15 -9.02
CA VAL A 55 28.33 9.94 -9.96
C VAL A 55 26.86 9.57 -9.86
N LYS A 56 26.02 10.53 -9.45
CA LYS A 56 24.58 10.34 -9.40
C LYS A 56 23.88 10.93 -10.62
N SER A 57 23.10 10.08 -11.29
CA SER A 57 22.39 10.50 -12.50
C SER A 57 21.00 9.93 -12.51
N LEU A 58 20.17 10.41 -13.43
CA LEU A 58 18.79 9.94 -13.57
C LEU A 58 18.77 8.68 -14.41
N LYS A 59 17.83 7.78 -14.11
CA LYS A 59 17.57 6.63 -14.96
C LYS A 59 16.60 7.05 -16.07
N PRO A 60 16.84 6.62 -17.32
CA PRO A 60 15.96 6.98 -18.44
C PRO A 60 14.60 6.27 -18.43
N HIS A 66 12.11 14.17 -13.67
CA HIS A 66 12.73 14.32 -12.34
C HIS A 66 14.01 15.13 -12.34
N ILE A 67 14.41 15.67 -13.49
CA ILE A 67 15.59 16.51 -13.58
C ILE A 67 15.53 17.61 -12.54
N ALA A 68 14.36 18.20 -12.37
CA ALA A 68 14.19 19.27 -11.39
C ALA A 68 14.57 18.81 -9.98
N ASP A 69 14.13 17.61 -9.59
CA ASP A 69 14.46 17.08 -8.27
C ASP A 69 15.95 16.85 -8.08
N LEU A 70 16.60 16.31 -9.10
CA LEU A 70 18.04 16.12 -9.04
C LEU A 70 18.79 17.44 -8.92
N LYS A 71 18.37 18.46 -9.66
CA LYS A 71 18.99 19.78 -9.54
C LYS A 71 18.83 20.37 -8.16
N LYS A 72 17.70 20.09 -7.54
CA LYS A 72 17.45 20.58 -6.20
C LYS A 72 18.32 19.82 -5.19
N GLU A 73 18.45 18.52 -5.40
CA GLU A 73 19.35 17.72 -4.58
C GLU A 73 20.79 18.25 -4.69
N ILE A 74 21.21 18.57 -5.91
CA ILE A 74 22.55 19.10 -6.13
C ILE A 74 22.78 20.41 -5.42
N GLU A 75 21.81 21.30 -5.49
CA GLU A 75 21.89 22.59 -4.82
C GLU A 75 21.90 22.44 -3.29
N ILE A 76 21.18 21.46 -2.78
CA ILE A 76 21.18 21.20 -1.34
C ILE A 76 22.59 20.73 -0.92
N LEU A 77 23.09 19.68 -1.57
CA LEU A 77 24.36 19.07 -1.16
C LEU A 77 25.54 20.02 -1.34
N ARG A 78 25.49 20.77 -2.44
CA ARG A 78 26.48 21.79 -2.79
C ARG A 78 26.78 22.75 -1.64
N ASN A 79 25.76 23.02 -0.84
CA ASN A 79 25.84 23.99 0.24
C ASN A 79 25.91 23.40 1.64
N LEU A 80 26.00 22.07 1.75
CA LEU A 80 26.21 21.45 3.06
C LEU A 80 27.71 21.26 3.26
N TYR A 81 28.21 21.71 4.40
CA TYR A 81 29.62 21.51 4.78
C TYR A 81 29.70 20.97 6.20
N HIS A 82 29.98 19.69 6.34
CA HIS A 82 30.05 19.04 7.64
C HIS A 82 30.83 17.78 7.48
N GLU A 83 31.63 17.42 8.48
CA GLU A 83 32.49 16.25 8.37
C GLU A 83 31.71 14.94 8.27
N ASN A 84 30.47 14.94 8.75
CA ASN A 84 29.62 13.75 8.64
C ASN A 84 28.59 13.85 7.54
N ILE A 85 28.89 14.63 6.50
CA ILE A 85 28.06 14.69 5.30
C ILE A 85 28.95 14.52 4.06
N VAL A 86 28.57 13.61 3.18
CA VAL A 86 29.39 13.28 2.02
C VAL A 86 29.71 14.55 1.19
N LYS A 87 30.95 14.64 0.72
CA LYS A 87 31.43 15.84 0.04
C LYS A 87 30.93 15.95 -1.40
N TYR A 88 30.32 17.08 -1.72
CA TYR A 88 30.05 17.51 -3.09
C TYR A 88 31.35 17.83 -3.80
N LYS A 89 31.52 17.32 -5.01
CA LYS A 89 32.70 17.64 -5.82
C LYS A 89 32.36 18.51 -7.02
N GLY A 90 31.19 18.31 -7.60
CA GLY A 90 30.81 19.08 -8.78
C GLY A 90 29.68 18.50 -9.58
N ILE A 91 29.55 18.97 -10.81
CA ILE A 91 28.52 18.49 -11.72
C ILE A 91 29.12 18.19 -13.09
N CYS A 92 28.40 17.40 -13.86
CA CYS A 92 28.69 17.18 -15.27
C CYS A 92 27.42 17.50 -16.04
N THR A 93 27.50 18.46 -16.98
CA THR A 93 26.33 18.95 -17.70
C THR A 93 26.50 18.80 -19.20
N GLY A 99 20.32 18.05 -19.20
CA GLY A 99 20.82 16.87 -18.49
C GLY A 99 21.92 17.23 -17.52
N ILE A 100 22.05 16.49 -16.42
CA ILE A 100 23.02 16.83 -15.40
C ILE A 100 23.36 15.63 -14.53
N LYS A 101 24.62 15.54 -14.08
CA LYS A 101 25.03 14.50 -13.13
C LYS A 101 25.72 15.14 -11.95
N LEU A 102 25.48 14.56 -10.77
CA LEU A 102 26.05 15.05 -9.52
C LEU A 102 27.31 14.25 -9.21
N ILE A 103 28.43 14.94 -8.99
CA ILE A 103 29.70 14.29 -8.70
C ILE A 103 30.00 14.47 -7.20
N MET A 104 30.20 13.34 -6.51
CA MET A 104 30.52 13.32 -5.08
C MET A 104 31.80 12.53 -4.83
N GLU A 105 32.37 12.68 -3.62
CA GLU A 105 33.46 11.83 -3.22
C GLU A 105 32.99 10.38 -3.17
N PHE A 106 33.93 9.48 -3.44
CA PHE A 106 33.68 8.06 -3.41
C PHE A 106 34.28 7.49 -2.13
N LEU A 107 33.47 6.76 -1.37
CA LEU A 107 33.92 6.09 -0.15
C LEU A 107 33.97 4.58 -0.39
N PRO A 108 35.17 4.03 -0.60
CA PRO A 108 35.38 2.64 -0.96
C PRO A 108 34.72 1.64 -0.02
N SER A 109 34.63 1.95 1.27
CA SER A 109 33.98 1.01 2.21
C SER A 109 32.47 0.88 2.00
N GLY A 110 31.89 1.80 1.24
CA GLY A 110 30.46 1.74 0.96
C GLY A 110 29.66 2.15 2.17
N SER A 111 28.39 1.72 2.20
CA SER A 111 27.50 2.03 3.31
C SER A 111 27.65 1.05 4.47
N LEU A 112 27.00 1.37 5.58
CA LEU A 112 26.95 0.48 6.72
C LEU A 112 26.41 -0.91 6.36
N LYS A 113 25.49 -0.98 5.41
CA LYS A 113 24.97 -2.27 4.95
C LYS A 113 26.06 -3.17 4.36
N GLU A 114 27.04 -2.58 3.66
CA GLU A 114 28.17 -3.33 3.11
C GLU A 114 29.25 -3.57 4.16
N TYR A 115 29.56 -2.53 4.92
CA TYR A 115 30.72 -2.52 5.79
C TYR A 115 30.52 -3.32 7.08
N LEU A 116 29.35 -3.16 7.71
CA LEU A 116 29.11 -3.77 9.02
C LEU A 116 29.14 -5.33 8.99
N PRO A 117 28.47 -5.97 8.02
CA PRO A 117 28.51 -7.43 8.04
C PRO A 117 29.93 -8.00 7.91
N LYS A 118 30.82 -7.24 7.27
CA LYS A 118 32.18 -7.67 7.00
C LYS A 118 33.18 -7.31 8.09
N ASN A 119 32.80 -6.47 9.03
CA ASN A 119 33.78 -5.92 9.98
C ASN A 119 33.33 -6.02 11.43
N LYS A 120 32.42 -6.94 11.70
CA LYS A 120 31.91 -7.20 13.04
C LYS A 120 33.02 -7.30 14.06
N ASN A 121 34.09 -8.02 13.72
CA ASN A 121 35.18 -8.24 14.66
C ASN A 121 35.93 -6.96 15.03
N LYS A 122 35.97 -6.03 14.09
CA LYS A 122 36.67 -4.76 14.26
C LYS A 122 35.83 -3.68 14.96
N ILE A 123 34.50 -3.79 14.86
CA ILE A 123 33.57 -2.74 15.28
C ILE A 123 32.79 -3.17 16.53
N ASN A 124 33.21 -2.70 17.70
CA ASN A 124 32.53 -3.07 18.95
C ASN A 124 31.50 -2.03 19.36
N LEU A 125 30.88 -2.23 20.51
CA LEU A 125 29.81 -1.33 20.93
C LEU A 125 30.29 0.12 21.01
N LYS A 126 31.50 0.34 21.50
CA LYS A 126 32.01 1.69 21.64
C LYS A 126 32.08 2.37 20.26
N GLN A 127 32.54 1.63 19.27
CA GLN A 127 32.65 2.21 17.94
C GLN A 127 31.25 2.46 17.33
N GLN A 128 30.31 1.54 17.56
CA GLN A 128 28.92 1.76 17.16
C GLN A 128 28.33 3.05 17.77
N LEU A 129 28.58 3.28 19.06
CA LEU A 129 28.09 4.50 19.69
C LEU A 129 28.70 5.76 19.08
N LYS A 130 29.99 5.71 18.77
CA LYS A 130 30.63 6.85 18.10
C LYS A 130 30.03 7.10 16.71
N TYR A 131 29.70 6.04 15.97
CA TYR A 131 29.03 6.21 14.69
C TYR A 131 27.66 6.84 14.94
N ALA A 132 26.98 6.36 15.97
CA ALA A 132 25.66 6.91 16.32
C ALA A 132 25.75 8.43 16.56
N VAL A 133 26.73 8.85 17.34
CA VAL A 133 26.99 10.27 17.58
C VAL A 133 27.21 11.02 16.26
N GLN A 134 28.03 10.46 15.39
CA GLN A 134 28.35 11.09 14.12
C GLN A 134 27.13 11.27 13.21
N ILE A 135 26.30 10.25 13.13
CA ILE A 135 25.06 10.34 12.38
C ILE A 135 24.15 11.45 12.95
N CYS A 136 24.03 11.49 14.28
CA CYS A 136 23.24 12.55 14.92
C CYS A 136 23.79 13.94 14.63
N LYS A 137 25.11 14.09 14.64
CA LYS A 137 25.74 15.40 14.37
C LYS A 137 25.45 15.86 12.95
N GLY A 138 25.55 14.95 11.98
CA GLY A 138 25.20 15.24 10.62
C GLY A 138 23.74 15.63 10.49
N MET A 139 22.86 14.87 11.14
CA MET A 139 21.42 15.10 11.06
C MET A 139 21.03 16.41 11.73
N ASP A 140 21.68 16.72 12.84
CA ASP A 140 21.43 17.96 13.57
C ASP A 140 21.87 19.16 12.74
N TYR A 141 22.99 19.01 12.03
CA TYR A 141 23.41 20.03 11.08
C TYR A 141 22.36 20.26 9.97
N LEU A 142 21.84 19.16 9.42
CA LEU A 142 20.80 19.23 8.39
C LEU A 142 19.54 19.92 8.92
N GLY A 143 19.15 19.58 10.14
CA GLY A 143 18.00 20.20 10.80
C GLY A 143 18.21 21.67 11.07
N SER A 144 19.45 22.07 11.29
CA SER A 144 19.77 23.49 11.50
C SER A 144 19.70 24.27 10.18
N ARG A 145 19.87 23.59 9.05
CA ARG A 145 19.69 24.22 7.75
C ARG A 145 18.23 24.17 7.31
N GLN A 146 17.35 23.76 8.21
CA GLN A 146 15.91 23.67 7.95
C GLN A 146 15.56 22.62 6.88
N TYR A 147 16.20 21.46 6.96
CA TYR A 147 15.86 20.36 6.07
C TYR A 147 15.36 19.15 6.87
N VAL A 148 14.51 18.38 6.22
CA VAL A 148 14.14 17.05 6.69
C VAL A 148 14.67 16.09 5.64
N HIS A 149 15.26 15.00 6.09
CA HIS A 149 15.98 14.09 5.21
C HIS A 149 15.06 13.10 4.57
N ARG A 150 14.19 12.50 5.38
CA ARG A 150 13.13 11.59 4.90
C ARG A 150 13.57 10.21 4.40
N ASP A 151 14.84 9.88 4.53
CA ASP A 151 15.36 8.60 4.04
C ASP A 151 16.54 8.07 4.86
N LEU A 152 16.52 8.36 6.17
CA LEU A 152 17.66 8.00 7.01
C LEU A 152 17.56 6.52 7.32
N ALA A 153 18.45 5.75 6.70
CA ALA A 153 18.60 4.31 6.92
C ALA A 153 20.06 3.99 6.73
N ALA A 154 20.49 2.82 7.20
CA ALA A 154 21.89 2.42 7.20
C ALA A 154 22.47 2.41 5.80
N ARG A 155 21.65 2.06 4.81
CA ARG A 155 22.08 2.08 3.40
C ARG A 155 22.54 3.49 2.91
N ASN A 156 22.11 4.55 3.59
CA ASN A 156 22.47 5.91 3.23
C ASN A 156 23.55 6.50 4.17
N VAL A 157 24.12 5.67 5.03
CA VAL A 157 25.24 6.08 5.87
C VAL A 157 26.53 5.47 5.38
N LEU A 158 27.40 6.30 4.85
CA LEU A 158 28.65 5.84 4.25
C LEU A 158 29.76 5.77 5.30
N VAL A 159 30.68 4.84 5.10
CA VAL A 159 31.80 4.64 5.99
C VAL A 159 33.02 5.27 5.37
N GLU A 160 33.52 6.33 6.00
CA GLU A 160 34.73 7.00 5.53
C GLU A 160 35.95 6.25 6.00
N SER A 161 35.86 5.72 7.20
CA SER A 161 36.93 4.93 7.81
C SER A 161 36.34 4.20 9.00
N GLU A 162 37.12 3.29 9.57
CA GLU A 162 36.74 2.62 10.82
C GLU A 162 36.26 3.60 11.89
N HIS A 163 36.73 4.84 11.84
CA HIS A 163 36.43 5.86 12.86
C HIS A 163 35.45 6.92 12.42
N GLN A 164 34.95 6.86 11.18
CA GLN A 164 34.09 7.95 10.70
C GLN A 164 33.04 7.52 9.67
N VAL A 165 31.81 7.99 9.88
CA VAL A 165 30.72 7.82 8.92
C VAL A 165 30.20 9.16 8.42
N LYS A 166 29.55 9.13 7.26
CA LYS A 166 28.95 10.31 6.65
C LYS A 166 27.57 9.96 6.07
N ILE A 167 26.63 10.87 6.21
CA ILE A 167 25.34 10.74 5.54
C ILE A 167 25.64 10.95 4.06
N GLY A 168 25.25 9.98 3.23
CA GLY A 168 25.75 9.90 1.86
C GLY A 168 24.74 10.02 0.73
N ASP A 169 23.50 10.36 1.04
CA ASP A 169 22.51 10.60 -0.02
C ASP A 169 21.45 11.51 0.49
N PHE A 170 20.90 12.32 -0.42
CA PHE A 170 19.92 13.36 -0.08
C PHE A 170 18.77 13.42 -1.07
N GLY A 171 18.51 12.31 -1.75
CA GLY A 171 17.48 12.21 -2.79
C GLY A 171 16.06 12.59 -2.43
N LEU A 172 15.70 12.47 -1.15
CA LEU A 172 14.36 12.80 -0.69
C LEU A 172 14.35 14.02 0.21
N THR A 173 15.48 14.68 0.41
CA THR A 173 15.56 15.79 1.35
C THR A 173 14.74 17.00 0.88
N LYS A 174 14.05 17.63 1.82
CA LYS A 174 13.16 18.75 1.53
C LYS A 174 13.36 19.85 2.56
N ALA A 175 13.15 21.09 2.12
CA ALA A 175 13.22 22.24 3.03
C ALA A 175 11.91 22.34 3.82
N ILE A 176 12.01 22.58 5.11
CA ILE A 176 10.85 22.99 5.90
C ILE A 176 10.75 24.51 5.85
N GLU A 177 9.57 25.01 5.51
CA GLU A 177 9.33 26.45 5.38
C GLU A 177 9.62 27.18 6.69
N THR A 178 10.22 28.36 6.60
CA THR A 178 10.47 29.21 7.77
C THR A 178 9.17 29.39 8.53
N ASP A 179 9.27 29.33 9.86
CA ASP A 179 8.12 29.46 10.78
C ASP A 179 7.19 28.24 10.78
N LYS A 180 7.24 27.40 9.75
CA LYS A 180 6.47 26.14 9.73
C LYS A 180 7.26 25.00 10.37
N GLU A 181 6.57 23.90 10.64
CA GLU A 181 7.17 22.83 11.44
C GLU A 181 7.35 21.52 10.69
N THR A 184 4.84 18.69 3.88
CA THR A 184 3.82 17.72 3.49
C THR A 184 4.18 17.08 2.17
N VAL A 185 4.08 15.75 2.11
CA VAL A 185 4.54 14.95 0.98
C VAL A 185 3.41 14.55 0.05
N LYS A 186 3.73 14.39 -1.24
CA LYS A 186 2.76 14.05 -2.26
C LYS A 186 3.13 12.71 -2.90
N ASP A 187 4.29 12.62 -3.53
CA ASP A 187 4.82 11.35 -4.01
C ASP A 187 5.26 10.53 -2.79
N ASP A 188 4.62 9.38 -2.61
CA ASP A 188 4.91 8.50 -1.48
C ASP A 188 4.92 7.01 -1.87
N ARG A 189 4.88 6.75 -3.18
CA ARG A 189 4.74 5.40 -3.72
C ARG A 189 5.90 4.50 -3.29
N ASP A 190 7.08 5.07 -3.10
CA ASP A 190 8.28 4.29 -2.78
C ASP A 190 8.87 4.68 -1.42
N SER A 191 8.01 5.04 -0.48
CA SER A 191 8.44 5.33 0.90
C SER A 191 9.04 4.09 1.59
N PRO A 192 10.12 4.29 2.38
CA PRO A 192 10.67 3.24 3.21
C PRO A 192 9.83 3.15 4.47
N VAL A 193 8.64 2.56 4.35
CA VAL A 193 7.66 2.63 5.42
C VAL A 193 8.12 2.06 6.77
N PHE A 194 9.00 1.06 6.77
CA PHE A 194 9.45 0.46 8.03
C PHE A 194 10.45 1.34 8.79
N TRP A 195 10.85 2.45 8.18
CA TRP A 195 11.66 3.50 8.81
C TRP A 195 10.88 4.72 9.18
N TYR A 196 9.57 4.76 8.84
CA TYR A 196 8.79 6.00 8.98
C TYR A 196 7.97 6.12 10.24
N ALA A 197 7.97 7.32 10.77
CA ALA A 197 7.18 7.66 11.93
C ALA A 197 5.68 7.64 11.56
N PRO A 198 4.81 7.51 12.58
CA PRO A 198 3.37 7.46 12.36
C PRO A 198 2.80 8.67 11.62
N GLU A 199 3.19 9.88 12.00
CA GLU A 199 2.71 11.09 11.32
C GLU A 199 3.02 11.10 9.83
N CYS A 200 4.15 10.49 9.45
CA CYS A 200 4.52 10.35 8.06
C CYS A 200 3.63 9.34 7.37
N LEU A 201 3.41 8.21 8.06
CA LEU A 201 2.61 7.14 7.51
C LEU A 201 1.12 7.53 7.42
N MET A 202 0.65 8.32 8.38
CA MET A 202 -0.78 8.58 8.50
C MET A 202 -1.18 9.86 7.75
N GLN A 203 -0.52 10.97 8.07
CA GLN A 203 -0.85 12.28 7.51
C GLN A 203 0.10 12.77 6.41
N SER A 204 1.19 12.04 6.17
CA SER A 204 2.20 12.44 5.18
C SER A 204 2.95 13.73 5.56
N LYS A 205 2.97 14.06 6.85
CA LYS A 205 3.70 15.21 7.35
C LYS A 205 5.09 14.77 7.84
N PHE A 206 6.11 15.58 7.56
CA PHE A 206 7.49 15.26 7.94
C PHE A 206 8.08 16.36 8.80
N TYR A 207 8.38 16.02 10.06
CA TYR A 207 9.02 16.91 11.01
C TYR A 207 10.48 16.50 11.17
N ILE A 208 11.29 17.38 11.76
CA ILE A 208 12.63 16.99 12.21
C ILE A 208 12.51 15.80 13.17
N ALA A 209 11.46 15.82 14.00
CA ALA A 209 11.16 14.68 14.88
C ALA A 209 10.89 13.40 14.10
N SER A 210 10.44 13.51 12.87
CA SER A 210 10.27 12.35 12.01
C SER A 210 11.62 11.72 11.61
N ASP A 211 12.64 12.56 11.39
CA ASP A 211 14.00 12.05 11.18
C ASP A 211 14.58 11.40 12.44
N VAL A 212 14.19 11.90 13.61
CA VAL A 212 14.65 11.30 14.85
C VAL A 212 14.11 9.88 14.93
N TRP A 213 12.86 9.69 14.54
CA TRP A 213 12.27 8.34 14.49
C TRP A 213 13.04 7.43 13.58
N SER A 214 13.31 7.88 12.36
CA SER A 214 14.11 7.10 11.41
C SER A 214 15.49 6.79 11.96
N PHE A 215 16.06 7.75 12.69
CA PHE A 215 17.39 7.53 13.25
C PHE A 215 17.34 6.34 14.21
N GLY A 216 16.32 6.29 15.07
CA GLY A 216 16.10 5.15 15.94
C GLY A 216 16.18 3.83 15.20
N VAL A 217 15.54 3.74 14.05
CA VAL A 217 15.52 2.51 13.26
C VAL A 217 16.89 2.26 12.65
N THR A 218 17.55 3.31 12.18
CA THR A 218 18.90 3.18 11.67
C THR A 218 19.87 2.69 12.77
N LEU A 219 19.67 3.17 14.00
CA LEU A 219 20.46 2.72 15.16
C LEU A 219 20.22 1.24 15.43
N HIS A 220 18.99 0.79 15.26
CA HIS A 220 18.72 -0.62 15.37
C HIS A 220 19.53 -1.40 14.36
N GLU A 221 19.56 -0.93 13.13
CA GLU A 221 20.32 -1.60 12.07
C GLU A 221 21.81 -1.68 12.40
N LEU A 222 22.33 -0.57 12.89
CA LEU A 222 23.74 -0.46 13.25
C LEU A 222 24.04 -1.47 14.35
N LEU A 223 23.15 -1.56 15.34
CA LEU A 223 23.35 -2.47 16.45
C LEU A 223 23.23 -3.93 16.03
N THR A 224 22.53 -4.19 14.93
CA THR A 224 22.45 -5.56 14.38
C THR A 224 23.43 -5.79 13.24
N TYR A 225 24.40 -4.90 13.09
CA TYR A 225 25.40 -5.02 12.02
C TYR A 225 24.76 -5.21 10.65
N CYS A 226 23.58 -4.59 10.47
CA CYS A 226 22.88 -4.62 9.20
C CYS A 226 22.64 -6.04 8.66
N ASP A 227 22.44 -7.02 9.55
CA ASP A 227 22.19 -8.36 9.03
C ASP A 227 20.80 -8.40 8.43
N SER A 228 20.69 -8.95 7.24
CA SER A 228 19.43 -8.94 6.51
C SER A 228 18.29 -9.64 7.24
N ASP A 229 18.60 -10.70 8.00
CA ASP A 229 17.54 -11.41 8.71
C ASP A 229 17.03 -10.65 9.95
N SER A 230 17.78 -9.63 10.37
CA SER A 230 17.39 -8.80 11.50
C SER A 230 16.95 -7.39 11.06
N SER A 231 16.78 -7.18 9.75
CA SER A 231 16.45 -5.86 9.26
C SER A 231 15.08 -5.41 9.76
N PRO A 232 14.87 -4.08 9.88
CA PRO A 232 13.58 -3.53 10.28
C PRO A 232 12.40 -4.04 9.47
N MET A 233 12.59 -4.29 8.18
CA MET A 233 11.53 -4.86 7.35
C MET A 233 11.25 -6.32 7.75
N ALA A 234 12.29 -7.14 7.73
CA ALA A 234 12.17 -8.54 8.15
C ALA A 234 11.48 -8.65 9.51
N LEU A 235 11.93 -7.87 10.49
CA LEU A 235 11.36 -7.95 11.84
C LEU A 235 9.94 -7.44 11.91
N PHE A 236 9.64 -6.36 11.21
CA PHE A 236 8.27 -5.86 11.19
C PHE A 236 7.31 -6.83 10.47
N LEU A 237 7.74 -7.39 9.34
CA LEU A 237 6.93 -8.35 8.61
C LEU A 237 6.65 -9.62 9.45
N LYS A 238 7.56 -9.93 10.36
CA LYS A 238 7.37 -10.99 11.33
C LYS A 238 6.29 -10.58 12.32
N MET A 239 6.40 -9.35 12.84
CA MET A 239 5.46 -8.84 13.85
C MET A 239 4.00 -8.67 13.38
N ILE A 240 3.81 -8.31 12.11
CA ILE A 240 2.46 -8.02 11.56
C ILE A 240 1.95 -9.06 10.55
N GLY A 241 2.84 -9.85 9.97
CA GLY A 241 2.48 -10.80 8.93
C GLY A 241 3.07 -10.37 7.60
N PRO A 242 3.69 -11.30 6.86
CA PRO A 242 4.35 -10.98 5.58
C PRO A 242 3.48 -11.10 4.32
N THR A 243 2.18 -11.34 4.47
CA THR A 243 1.34 -11.59 3.28
C THR A 243 0.07 -10.74 3.31
N HIS A 244 0.21 -9.46 3.63
CA HIS A 244 -0.92 -8.54 3.68
C HIS A 244 -1.02 -7.61 2.50
N GLY A 245 -0.07 -7.70 1.58
CA GLY A 245 -0.06 -6.90 0.35
C GLY A 245 -0.24 -5.42 0.59
N GLN A 246 -1.36 -4.87 0.10
CA GLN A 246 -1.66 -3.45 0.19
C GLN A 246 -2.21 -3.02 1.54
N MET A 247 -2.50 -3.98 2.43
CA MET A 247 -2.92 -3.66 3.78
C MET A 247 -1.71 -3.57 4.72
N THR A 248 -0.52 -3.84 4.22
CA THR A 248 0.69 -3.82 5.06
C THR A 248 0.80 -2.56 5.94
N VAL A 249 0.72 -1.38 5.33
CA VAL A 249 0.95 -0.12 6.07
C VAL A 249 -0.08 0.15 7.16
N THR A 250 -1.34 -0.15 6.90
CA THR A 250 -2.37 0.00 7.92
C THR A 250 -2.10 -0.96 9.05
N ARG A 251 -1.68 -2.17 8.70
CA ARG A 251 -1.28 -3.18 9.67
C ARG A 251 -0.09 -2.63 10.50
N LEU A 252 0.89 -2.06 9.81
CA LEU A 252 2.01 -1.40 10.49
C LEU A 252 1.53 -0.29 11.43
N VAL A 253 0.68 0.61 10.92
CA VAL A 253 0.21 1.75 11.69
C VAL A 253 -0.49 1.32 12.97
N ASN A 254 -1.32 0.29 12.86
CA ASN A 254 -2.03 -0.24 14.02
C ASN A 254 -1.08 -0.83 15.07
N THR A 255 -0.08 -1.56 14.61
CA THR A 255 0.93 -2.13 15.52
C THR A 255 1.60 -1.03 16.34
N LEU A 256 2.01 0.04 15.65
CA LEU A 256 2.67 1.17 16.30
C LEU A 256 1.72 1.88 17.25
N LYS A 257 0.45 1.97 16.88
CA LYS A 257 -0.57 2.56 17.75
C LYS A 257 -0.75 1.78 19.04
N GLU A 258 -0.73 0.46 18.94
CA GLU A 258 -0.82 -0.42 20.11
C GLU A 258 0.36 -0.25 21.07
N GLY A 259 1.48 0.23 20.54
CA GLY A 259 2.66 0.52 21.33
C GLY A 259 3.81 -0.45 21.07
N LYS A 260 3.64 -1.32 20.07
CA LYS A 260 4.65 -2.31 19.71
C LYS A 260 5.81 -1.65 18.94
N ARG A 261 7.03 -2.04 19.31
CA ARG A 261 8.22 -1.51 18.66
C ARG A 261 9.18 -2.63 18.34
N LEU A 262 10.19 -2.33 17.51
CA LEU A 262 11.26 -3.28 17.27
C LEU A 262 11.91 -3.68 18.60
N PRO A 263 12.25 -4.96 18.76
CA PRO A 263 12.83 -5.43 20.01
C PRO A 263 14.29 -5.01 20.17
N CYS A 264 14.82 -5.21 21.39
CA CYS A 264 16.21 -4.90 21.68
C CYS A 264 17.12 -5.80 20.87
N PRO A 265 18.13 -5.24 20.19
CA PRO A 265 19.05 -6.12 19.48
C PRO A 265 19.82 -7.02 20.45
N PRO A 266 20.26 -8.20 19.97
CA PRO A 266 21.14 -9.07 20.74
C PRO A 266 22.37 -8.32 21.18
N ASN A 267 22.73 -8.48 22.45
CA ASN A 267 23.93 -7.85 23.01
C ASN A 267 23.87 -6.33 23.13
N CYS A 268 22.68 -5.73 22.95
CA CYS A 268 22.55 -4.30 23.11
C CYS A 268 22.09 -4.01 24.53
N PRO A 269 22.92 -3.30 25.33
CA PRO A 269 22.55 -2.98 26.70
C PRO A 269 21.27 -2.18 26.78
N ASP A 270 20.53 -2.32 27.87
CA ASP A 270 19.23 -1.67 27.98
C ASP A 270 19.36 -0.16 27.90
N GLU A 271 20.42 0.39 28.49
CA GLU A 271 20.60 1.85 28.49
C GLU A 271 20.70 2.39 27.06
N VAL A 272 21.26 1.59 26.16
CA VAL A 272 21.32 1.98 24.76
C VAL A 272 19.93 1.86 24.15
N TYR A 273 19.24 0.76 24.46
CA TYR A 273 17.89 0.52 23.96
C TYR A 273 16.90 1.58 24.40
N GLN A 274 17.06 2.09 25.62
CA GLN A 274 16.18 3.17 26.10
C GLN A 274 16.34 4.45 25.26
N LEU A 275 17.57 4.81 24.90
CA LEU A 275 17.76 5.97 24.02
C LEU A 275 17.05 5.73 22.69
N MET A 276 17.11 4.50 22.21
CA MET A 276 16.45 4.14 20.96
C MET A 276 14.93 4.30 21.07
N ARG A 277 14.35 3.83 22.18
CA ARG A 277 12.90 3.92 22.40
C ARG A 277 12.39 5.37 22.50
N LYS A 278 13.21 6.28 23.03
CA LYS A 278 12.86 7.70 23.04
C LYS A 278 12.69 8.31 21.65
N CYS A 279 13.34 7.71 20.65
CA CYS A 279 13.16 8.09 19.25
C CYS A 279 11.79 7.73 18.74
N TRP A 280 11.14 6.78 19.41
CA TRP A 280 9.92 6.19 18.91
C TRP A 280 8.70 6.47 19.76
N GLU A 281 8.69 7.61 20.45
CA GLU A 281 7.46 8.10 21.06
C GLU A 281 6.46 8.34 19.95
N PHE A 282 5.24 7.85 20.12
CA PHE A 282 4.23 7.91 19.06
C PHE A 282 4.02 9.35 18.58
N GLN A 283 4.03 10.30 19.51
CA GLN A 283 3.83 11.72 19.22
C GLN A 283 5.14 12.47 18.96
N PRO A 284 5.25 13.17 17.82
CA PRO A 284 6.46 13.88 17.42
C PRO A 284 7.01 14.78 18.52
N SER A 285 6.12 15.49 19.19
CA SER A 285 6.49 16.41 20.25
C SER A 285 7.11 15.73 21.47
N ASN A 286 6.81 14.46 21.67
CA ASN A 286 7.37 13.70 22.79
C ASN A 286 8.73 13.02 22.55
N ARG A 287 9.25 13.11 21.33
CA ARG A 287 10.50 12.42 21.00
C ARG A 287 11.71 13.20 21.47
N THR A 288 12.80 12.46 21.65
CA THR A 288 14.07 13.05 21.98
C THR A 288 14.54 13.86 20.76
N SER A 289 15.51 14.74 21.00
CA SER A 289 16.13 15.53 19.94
C SER A 289 17.46 14.89 19.58
N PHE A 290 18.05 15.35 18.48
CA PHE A 290 19.38 14.87 18.10
C PHE A 290 20.43 15.33 19.10
N GLN A 291 20.32 16.55 19.59
CA GLN A 291 21.26 17.03 20.59
C GLN A 291 21.21 16.20 21.88
N ASN A 292 20.02 15.81 22.31
CA ASN A 292 19.87 15.00 23.52
C ASN A 292 20.40 13.58 23.32
N LEU A 293 20.23 13.04 22.11
CA LEU A 293 20.79 11.73 21.78
C LEU A 293 22.31 11.79 21.90
N ILE A 294 22.90 12.83 21.33
CA ILE A 294 24.35 13.05 21.40
C ILE A 294 24.80 13.06 22.87
N GLU A 295 24.12 13.84 23.70
CA GLU A 295 24.43 13.86 25.13
C GLU A 295 24.38 12.47 25.72
N GLY A 296 23.30 11.75 25.45
CA GLY A 296 23.09 10.41 25.95
C GLY A 296 24.21 9.47 25.55
N PHE A 297 24.53 9.41 24.27
CA PHE A 297 25.59 8.52 23.80
C PHE A 297 26.94 8.89 24.44
N GLU A 298 27.22 10.19 24.47
CA GLU A 298 28.49 10.67 25.01
C GLU A 298 28.61 10.26 26.47
N ALA A 299 27.50 10.34 27.21
CA ALA A 299 27.47 9.91 28.59
C ALA A 299 27.82 8.43 28.72
N LEU A 300 27.39 7.63 27.75
CA LEU A 300 27.67 6.21 27.76
C LEU A 300 29.08 5.88 27.34
N LEU A 301 29.68 6.76 26.53
CA LEU A 301 31.06 6.59 26.09
C LEU A 301 32.12 6.99 27.15
N LYS A 302 31.77 7.91 28.05
CA LYS A 302 32.73 8.42 29.04
C LYS A 302 32.84 7.51 30.26
N VAL B 13 -30.66 -42.40 -6.97
CA VAL B 13 -29.82 -41.27 -7.44
C VAL B 13 -29.94 -40.05 -6.53
N ASP B 14 -28.83 -39.32 -6.38
CA ASP B 14 -28.83 -38.07 -5.64
C ASP B 14 -28.90 -36.95 -6.68
N PRO B 15 -29.98 -36.16 -6.68
CA PRO B 15 -30.12 -35.10 -7.67
C PRO B 15 -29.11 -33.97 -7.49
N THR B 16 -28.40 -33.96 -6.35
CA THR B 16 -27.38 -32.96 -6.09
C THR B 16 -25.98 -33.50 -6.33
N HIS B 17 -25.86 -34.70 -6.89
CA HIS B 17 -24.55 -35.25 -7.25
C HIS B 17 -24.37 -35.20 -8.73
N PHE B 18 -23.44 -34.38 -9.17
CA PHE B 18 -23.16 -34.23 -10.58
C PHE B 18 -21.90 -35.03 -10.87
N GLU B 19 -21.98 -35.93 -11.85
CA GLU B 19 -20.83 -36.76 -12.22
C GLU B 19 -19.88 -35.98 -13.11
N LYS B 20 -18.59 -36.05 -12.79
CA LYS B 20 -17.59 -35.32 -13.56
C LYS B 20 -17.69 -35.68 -15.05
N ARG B 21 -17.91 -36.95 -15.36
CA ARG B 21 -17.88 -37.36 -16.77
C ARG B 21 -18.97 -36.74 -17.64
N PHE B 22 -20.04 -36.23 -17.03
CA PHE B 22 -21.12 -35.57 -17.78
C PHE B 22 -21.12 -34.04 -17.69
N LEU B 23 -20.17 -33.49 -16.94
CA LEU B 23 -20.12 -32.06 -16.70
C LEU B 23 -19.14 -31.46 -17.69
N LYS B 24 -19.67 -30.80 -18.72
CA LYS B 24 -18.86 -30.29 -19.82
C LYS B 24 -18.68 -28.78 -19.78
N ARG B 25 -17.42 -28.35 -19.67
CA ARG B 25 -17.09 -26.94 -19.64
C ARG B 25 -17.40 -26.26 -20.98
N ILE B 26 -18.13 -25.15 -20.92
CA ILE B 26 -18.38 -24.33 -22.10
C ILE B 26 -17.43 -23.12 -22.11
N ARG B 27 -17.48 -22.29 -21.07
CA ARG B 27 -16.64 -21.09 -21.03
C ARG B 27 -16.52 -20.53 -19.63
N ASP B 28 -15.55 -19.64 -19.45
CA ASP B 28 -15.36 -18.98 -18.17
C ASP B 28 -16.42 -17.91 -17.96
N LEU B 29 -16.89 -17.77 -16.71
CA LEU B 29 -17.83 -16.72 -16.33
C LEU B 29 -17.17 -15.66 -15.45
N GLY B 30 -16.22 -16.08 -14.64
CA GLY B 30 -15.45 -15.15 -13.86
C GLY B 30 -14.42 -15.87 -13.04
N GLU B 31 -13.59 -15.10 -12.35
CA GLU B 31 -12.61 -15.70 -11.45
C GLU B 31 -12.11 -14.74 -10.37
N GLY B 32 -11.44 -15.33 -9.38
CA GLY B 32 -10.67 -14.59 -8.39
C GLY B 32 -9.24 -15.11 -8.46
N HIS B 33 -8.51 -14.96 -7.36
N HIS B 33 -8.53 -14.96 -7.35
CA HIS B 33 -7.15 -15.47 -7.31
CA HIS B 33 -7.15 -15.45 -7.25
C HIS B 33 -7.12 -16.96 -7.06
C HIS B 33 -7.15 -16.94 -7.07
N PHE B 34 -8.03 -17.44 -6.21
CA PHE B 34 -8.08 -18.88 -5.83
C PHE B 34 -9.22 -19.70 -6.45
N GLY B 35 -10.33 -19.06 -6.79
CA GLY B 35 -11.47 -19.74 -7.41
C GLY B 35 -11.82 -19.20 -8.78
N LYS B 36 -12.55 -20.00 -9.55
CA LYS B 36 -13.17 -19.53 -10.78
C LYS B 36 -14.53 -20.18 -11.00
N VAL B 37 -15.36 -19.51 -11.80
CA VAL B 37 -16.66 -20.03 -12.14
C VAL B 37 -16.74 -20.20 -13.65
N GLU B 38 -17.16 -21.38 -14.08
CA GLU B 38 -17.31 -21.69 -15.51
C GLU B 38 -18.76 -22.03 -15.81
N LEU B 39 -19.20 -21.69 -17.02
CA LEU B 39 -20.44 -22.21 -17.56
C LEU B 39 -20.20 -23.65 -18.04
N CYS B 40 -21.01 -24.57 -17.56
CA CYS B 40 -20.93 -25.94 -18.06
C CYS B 40 -22.31 -26.41 -18.47
N ARG B 41 -22.33 -27.47 -19.29
CA ARG B 41 -23.56 -28.20 -19.51
C ARG B 41 -23.46 -29.55 -18.82
N TYR B 42 -24.48 -29.90 -18.06
CA TYR B 42 -24.54 -31.23 -17.49
C TYR B 42 -25.35 -32.12 -18.43
N ASP B 43 -24.67 -32.99 -19.17
CA ASP B 43 -25.26 -33.64 -20.35
C ASP B 43 -25.17 -35.16 -20.28
N PRO B 44 -25.82 -35.76 -19.27
CA PRO B 44 -25.78 -37.22 -19.12
C PRO B 44 -26.32 -37.99 -20.32
N GLU B 45 -27.17 -37.38 -21.15
CA GLU B 45 -27.67 -38.06 -22.35
C GLU B 45 -26.75 -37.89 -23.57
N GLY B 46 -25.82 -36.95 -23.51
CA GLY B 46 -24.78 -36.82 -24.53
C GLY B 46 -25.20 -36.14 -25.81
N ASP B 47 -26.37 -35.50 -25.80
CA ASP B 47 -26.92 -34.86 -27.00
C ASP B 47 -27.10 -33.34 -26.88
N ASN B 48 -26.33 -32.72 -26.00
CA ASN B 48 -26.39 -31.26 -25.83
C ASN B 48 -27.81 -30.77 -25.47
N THR B 49 -28.58 -31.62 -24.78
CA THR B 49 -29.89 -31.21 -24.27
C THR B 49 -29.93 -31.02 -22.74
N GLY B 50 -28.85 -31.37 -22.05
CA GLY B 50 -28.76 -31.15 -20.60
C GLY B 50 -28.81 -29.69 -20.21
N GLU B 51 -28.99 -29.41 -18.92
CA GLU B 51 -29.09 -28.04 -18.49
C GLU B 51 -27.71 -27.39 -18.28
N GLN B 52 -27.67 -26.09 -18.53
CA GLN B 52 -26.49 -25.29 -18.29
C GLN B 52 -26.44 -24.95 -16.80
N VAL B 53 -25.24 -25.04 -16.23
CA VAL B 53 -25.01 -24.75 -14.82
C VAL B 53 -23.74 -23.92 -14.65
N ALA B 54 -23.65 -23.19 -13.55
CA ALA B 54 -22.44 -22.45 -13.22
C ALA B 54 -21.64 -23.31 -12.22
N VAL B 55 -20.35 -23.48 -12.50
CA VAL B 55 -19.51 -24.39 -11.72
C VAL B 55 -18.35 -23.64 -11.12
N LYS B 56 -18.29 -23.64 -9.78
CA LYS B 56 -17.18 -23.03 -9.06
C LYS B 56 -16.15 -24.07 -8.65
N SER B 57 -14.90 -23.81 -9.00
CA SER B 57 -13.82 -24.70 -8.67
C SER B 57 -12.59 -23.92 -8.29
N LEU B 58 -11.62 -24.62 -7.68
CA LEU B 58 -10.37 -23.99 -7.30
C LEU B 58 -9.45 -23.88 -8.50
N LYS B 59 -8.60 -22.86 -8.50
CA LYS B 59 -7.54 -22.75 -9.49
C LYS B 59 -6.30 -23.47 -8.95
N PRO B 60 -5.58 -24.23 -9.81
CA PRO B 60 -4.39 -24.97 -9.37
C PRO B 60 -3.16 -24.10 -9.06
N ASN B 65 -3.33 -24.19 0.10
CA ASN B 65 -4.53 -24.84 -0.40
C ASN B 65 -5.81 -24.29 0.24
N HIS B 66 -6.86 -24.19 -0.58
CA HIS B 66 -8.11 -23.52 -0.21
C HIS B 66 -9.32 -24.42 -0.33
N ILE B 67 -9.10 -25.72 -0.41
CA ILE B 67 -10.21 -26.68 -0.51
C ILE B 67 -11.15 -26.53 0.68
N ALA B 68 -10.58 -26.30 1.85
CA ALA B 68 -11.38 -26.14 3.06
C ALA B 68 -12.33 -24.95 2.93
N ASP B 69 -11.82 -23.85 2.36
CA ASP B 69 -12.63 -22.65 2.19
C ASP B 69 -13.79 -22.90 1.22
N LEU B 70 -13.51 -23.60 0.11
CA LEU B 70 -14.54 -23.89 -0.86
C LEU B 70 -15.63 -24.76 -0.23
N LYS B 71 -15.23 -25.78 0.53
CA LYS B 71 -16.18 -26.67 1.17
C LYS B 71 -17.07 -25.92 2.16
N LYS B 72 -16.51 -24.90 2.83
CA LYS B 72 -17.28 -24.08 3.76
C LYS B 72 -18.25 -23.21 2.99
N GLU B 73 -17.81 -22.68 1.86
CA GLU B 73 -18.70 -21.92 0.98
C GLU B 73 -19.87 -22.77 0.49
N ILE B 74 -19.57 -24.01 0.10
CA ILE B 74 -20.60 -24.93 -0.35
C ILE B 74 -21.62 -25.19 0.75
N GLU B 75 -21.14 -25.41 1.97
CA GLU B 75 -22.02 -25.68 3.09
C GLU B 75 -22.89 -24.48 3.41
N ILE B 76 -22.32 -23.28 3.35
CA ILE B 76 -23.12 -22.07 3.55
C ILE B 76 -24.21 -21.97 2.49
N LEU B 77 -23.85 -22.05 1.21
CA LEU B 77 -24.80 -21.81 0.14
C LEU B 77 -25.89 -22.87 0.10
N ARG B 78 -25.51 -24.11 0.35
CA ARG B 78 -26.42 -25.26 0.34
C ARG B 78 -27.62 -25.02 1.27
N ASN B 79 -27.39 -24.26 2.33
CA ASN B 79 -28.40 -24.05 3.35
C ASN B 79 -29.04 -22.67 3.32
N LEU B 80 -28.77 -21.88 2.28
CA LEU B 80 -29.45 -20.61 2.07
C LEU B 80 -30.58 -20.81 1.07
N TYR B 81 -31.78 -20.38 1.46
CA TYR B 81 -32.96 -20.51 0.61
C TYR B 81 -33.69 -19.18 0.60
N HIS B 82 -33.52 -18.42 -0.48
CA HIS B 82 -34.12 -17.10 -0.61
C HIS B 82 -34.21 -16.75 -2.06
N GLU B 83 -35.28 -16.08 -2.46
CA GLU B 83 -35.46 -15.75 -3.87
C GLU B 83 -34.40 -14.79 -4.40
N ASN B 84 -33.73 -14.05 -3.51
CA ASN B 84 -32.64 -13.15 -3.93
C ASN B 84 -31.23 -13.68 -3.62
N ILE B 85 -31.14 -14.99 -3.49
CA ILE B 85 -29.87 -15.66 -3.34
C ILE B 85 -29.80 -16.77 -4.39
N VAL B 86 -28.69 -16.81 -5.11
CA VAL B 86 -28.51 -17.75 -6.21
C VAL B 86 -28.66 -19.19 -5.73
N LYS B 87 -29.28 -20.02 -6.55
CA LYS B 87 -29.66 -21.37 -6.15
C LYS B 87 -28.50 -22.36 -6.21
N TYR B 88 -28.21 -22.97 -5.08
CA TYR B 88 -27.38 -24.17 -4.99
C TYR B 88 -28.04 -25.32 -5.75
N LYS B 89 -27.27 -26.02 -6.59
CA LYS B 89 -27.78 -27.19 -7.29
C LYS B 89 -27.14 -28.49 -6.81
N GLY B 90 -25.85 -28.45 -6.46
CA GLY B 90 -25.16 -29.65 -6.06
C GLY B 90 -23.66 -29.52 -6.04
N ILE B 91 -22.99 -30.68 -5.97
CA ILE B 91 -21.53 -30.75 -6.00
C ILE B 91 -21.04 -31.79 -7.00
N CYS B 92 -19.78 -31.64 -7.41
CA CYS B 92 -19.09 -32.64 -8.19
C CYS B 92 -17.83 -33.00 -7.41
N THR B 93 -17.68 -34.26 -7.01
CA THR B 93 -16.51 -34.68 -6.24
C THR B 93 -15.66 -35.67 -7.02
N ASN B 98 -11.25 -36.13 -2.60
CA ASN B 98 -10.41 -34.98 -2.29
C ASN B 98 -10.98 -33.65 -2.81
N GLY B 99 -10.90 -33.46 -4.13
CA GLY B 99 -11.30 -32.21 -4.77
C GLY B 99 -12.81 -32.12 -4.90
N ILE B 100 -13.31 -30.93 -5.17
CA ILE B 100 -14.77 -30.71 -5.19
C ILE B 100 -15.10 -29.47 -6.02
N LYS B 101 -16.29 -29.51 -6.64
CA LYS B 101 -16.79 -28.34 -7.39
C LYS B 101 -18.20 -28.02 -6.94
N LEU B 102 -18.50 -26.72 -6.87
CA LEU B 102 -19.83 -26.25 -6.46
C LEU B 102 -20.66 -26.00 -7.70
N ILE B 103 -21.85 -26.59 -7.76
CA ILE B 103 -22.73 -26.45 -8.90
C ILE B 103 -23.91 -25.52 -8.53
N MET B 104 -24.10 -24.48 -9.34
CA MET B 104 -25.13 -23.46 -9.10
C MET B 104 -25.96 -23.26 -10.35
N GLU B 105 -27.12 -22.64 -10.18
CA GLU B 105 -27.88 -22.22 -11.35
C GLU B 105 -27.08 -21.19 -12.13
N PHE B 106 -27.25 -21.23 -13.45
CA PHE B 106 -26.63 -20.31 -14.35
C PHE B 106 -27.66 -19.24 -14.75
N LEU B 107 -27.26 -17.99 -14.61
CA LEU B 107 -28.09 -16.84 -14.95
C LEU B 107 -27.49 -16.13 -16.17
N PRO B 108 -28.07 -16.41 -17.36
CA PRO B 108 -27.52 -15.93 -18.65
C PRO B 108 -27.28 -14.43 -18.72
N SER B 109 -28.08 -13.63 -18.02
CA SER B 109 -27.85 -12.17 -18.03
C SER B 109 -26.59 -11.69 -17.31
N GLY B 110 -25.95 -12.58 -16.55
CA GLY B 110 -24.74 -12.24 -15.84
C GLY B 110 -24.99 -11.33 -14.65
N SER B 111 -23.93 -10.63 -14.25
CA SER B 111 -24.02 -9.68 -13.15
C SER B 111 -24.53 -8.32 -13.61
N LEU B 112 -24.83 -7.46 -12.65
CA LEU B 112 -25.17 -6.08 -12.95
C LEU B 112 -24.10 -5.37 -13.76
N LYS B 113 -22.83 -5.79 -13.63
CA LYS B 113 -21.73 -5.18 -14.40
C LYS B 113 -21.89 -5.48 -15.88
N GLU B 114 -22.41 -6.67 -16.19
CA GLU B 114 -22.66 -7.06 -17.58
C GLU B 114 -23.99 -6.48 -18.07
N TYR B 115 -25.02 -6.61 -17.25
CA TYR B 115 -26.36 -6.33 -17.66
C TYR B 115 -26.70 -4.84 -17.74
N LEU B 116 -26.25 -4.06 -16.76
CA LEU B 116 -26.66 -2.66 -16.69
C LEU B 116 -26.16 -1.79 -17.85
N PRO B 117 -24.89 -1.91 -18.23
CA PRO B 117 -24.45 -1.08 -19.37
C PRO B 117 -25.24 -1.32 -20.65
N LYS B 118 -25.75 -2.54 -20.81
CA LYS B 118 -26.43 -2.99 -22.01
C LYS B 118 -27.92 -2.72 -21.99
N ASN B 119 -28.48 -2.39 -20.83
CA ASN B 119 -29.93 -2.26 -20.70
C ASN B 119 -30.39 -1.00 -20.03
N LYS B 120 -29.57 0.05 -20.09
CA LYS B 120 -29.91 1.38 -19.55
C LYS B 120 -31.31 1.83 -19.92
N ASN B 121 -31.68 1.64 -21.18
CA ASN B 121 -32.98 2.12 -21.68
C ASN B 121 -34.15 1.40 -21.06
N LYS B 122 -33.95 0.14 -20.73
CA LYS B 122 -34.98 -0.71 -20.15
C LYS B 122 -35.10 -0.53 -18.63
N ILE B 123 -34.01 -0.11 -17.98
CA ILE B 123 -33.93 -0.10 -16.50
C ILE B 123 -33.92 1.35 -15.98
N ASN B 124 -35.07 1.84 -15.53
CA ASN B 124 -35.19 3.21 -15.04
C ASN B 124 -35.03 3.26 -13.54
N LEU B 125 -35.20 4.43 -12.94
CA LEU B 125 -34.98 4.62 -11.50
C LEU B 125 -35.84 3.71 -10.63
N LYS B 126 -37.11 3.57 -11.00
CA LYS B 126 -38.00 2.69 -10.28
C LYS B 126 -37.46 1.26 -10.25
N GLN B 127 -36.97 0.78 -11.38
CA GLN B 127 -36.47 -0.58 -11.44
C GLN B 127 -35.16 -0.72 -10.68
N GLN B 128 -34.35 0.33 -10.67
CA GLN B 128 -33.12 0.32 -9.90
C GLN B 128 -33.43 0.23 -8.41
N LEU B 129 -34.45 0.95 -7.97
CA LEU B 129 -34.86 0.89 -6.56
C LEU B 129 -35.41 -0.48 -6.18
N LYS B 130 -36.14 -1.13 -7.09
CA LYS B 130 -36.61 -2.49 -6.79
C LYS B 130 -35.44 -3.47 -6.70
N TYR B 131 -34.43 -3.28 -7.54
CA TYR B 131 -33.20 -4.07 -7.40
C TYR B 131 -32.56 -3.82 -6.03
N ALA B 132 -32.52 -2.55 -5.62
CA ALA B 132 -31.89 -2.20 -4.34
C ALA B 132 -32.60 -2.91 -3.20
N VAL B 133 -33.94 -2.92 -3.23
CA VAL B 133 -34.72 -3.62 -2.23
C VAL B 133 -34.38 -5.12 -2.21
N GLN B 134 -34.31 -5.74 -3.37
CA GLN B 134 -34.02 -7.18 -3.45
C GLN B 134 -32.64 -7.53 -2.92
N ILE B 135 -31.65 -6.72 -3.23
CA ILE B 135 -30.33 -6.92 -2.69
C ILE B 135 -30.39 -6.81 -1.15
N CYS B 136 -31.06 -5.78 -0.65
CA CYS B 136 -31.24 -5.62 0.79
C CYS B 136 -31.95 -6.83 1.44
N LYS B 137 -33.00 -7.35 0.80
CA LYS B 137 -33.69 -8.51 1.33
C LYS B 137 -32.78 -9.75 1.37
N GLY B 138 -32.00 -9.97 0.32
CA GLY B 138 -31.02 -11.05 0.33
C GLY B 138 -29.97 -10.90 1.41
N MET B 139 -29.41 -9.70 1.51
CA MET B 139 -28.42 -9.39 2.52
C MET B 139 -28.96 -9.50 3.94
N ASP B 140 -30.20 -9.06 4.15
CA ASP B 140 -30.84 -9.14 5.47
C ASP B 140 -31.04 -10.60 5.86
N TYR B 141 -31.47 -11.42 4.89
CA TYR B 141 -31.59 -12.85 5.11
C TYR B 141 -30.26 -13.46 5.55
N LEU B 142 -29.18 -13.10 4.88
CA LEU B 142 -27.83 -13.57 5.22
C LEU B 142 -27.42 -13.17 6.63
N GLY B 143 -27.66 -11.92 6.98
CA GLY B 143 -27.38 -11.42 8.33
C GLY B 143 -28.21 -12.12 9.39
N SER B 144 -29.43 -12.52 9.05
CA SER B 144 -30.28 -13.27 9.97
C SER B 144 -29.74 -14.69 10.22
N ARG B 145 -29.01 -15.23 9.23
CA ARG B 145 -28.30 -16.51 9.41
C ARG B 145 -26.94 -16.33 10.09
N GLN B 146 -26.64 -15.10 10.52
CA GLN B 146 -25.43 -14.77 11.27
C GLN B 146 -24.15 -14.84 10.41
N TYR B 147 -24.26 -14.37 9.17
CA TYR B 147 -23.12 -14.26 8.26
C TYR B 147 -22.85 -12.82 7.88
N VAL B 148 -21.57 -12.52 7.68
CA VAL B 148 -21.14 -11.32 6.98
C VAL B 148 -20.63 -11.79 5.63
N HIS B 149 -20.97 -11.03 4.60
CA HIS B 149 -20.64 -11.38 3.20
C HIS B 149 -19.27 -10.94 2.81
N ARG B 150 -18.90 -9.70 3.16
CA ARG B 150 -17.54 -9.17 2.96
C ARG B 150 -17.11 -8.93 1.51
N ASP B 151 -18.02 -9.06 0.56
CA ASP B 151 -17.68 -8.89 -0.87
C ASP B 151 -18.84 -8.32 -1.70
N LEU B 152 -19.68 -7.52 -1.06
CA LEU B 152 -20.90 -7.06 -1.72
C LEU B 152 -20.50 -5.97 -2.69
N ALA B 153 -20.57 -6.30 -3.97
CA ALA B 153 -20.30 -5.39 -5.08
C ALA B 153 -21.20 -5.79 -6.27
N ALA B 154 -21.42 -4.87 -7.20
CA ALA B 154 -22.30 -5.12 -8.34
C ALA B 154 -21.90 -6.36 -9.13
N ARG B 155 -20.59 -6.61 -9.21
CA ARG B 155 -20.10 -7.82 -9.89
C ARG B 155 -20.61 -9.14 -9.28
N ASN B 156 -21.10 -9.10 -8.02
CA ASN B 156 -21.62 -10.30 -7.34
C ASN B 156 -23.14 -10.33 -7.25
N VAL B 157 -23.79 -9.42 -7.95
CA VAL B 157 -25.25 -9.39 -7.99
C VAL B 157 -25.69 -9.84 -9.36
N LEU B 158 -26.31 -11.01 -9.42
CA LEU B 158 -26.74 -11.60 -10.68
C LEU B 158 -28.13 -11.13 -11.05
N VAL B 159 -28.39 -11.08 -12.36
CA VAL B 159 -29.68 -10.66 -12.91
C VAL B 159 -30.43 -11.90 -13.37
N GLU B 160 -31.49 -12.23 -12.65
CA GLU B 160 -32.33 -13.37 -13.00
C GLU B 160 -33.25 -12.99 -14.13
N SER B 161 -33.72 -11.75 -14.12
CA SER B 161 -34.57 -11.20 -15.16
C SER B 161 -34.60 -9.70 -14.97
N GLU B 162 -35.26 -9.02 -15.89
CA GLU B 162 -35.44 -7.58 -15.79
C GLU B 162 -36.04 -7.18 -14.42
N HIS B 163 -36.78 -8.08 -13.80
CA HIS B 163 -37.50 -7.77 -12.55
C HIS B 163 -36.87 -8.36 -11.30
N GLN B 164 -35.78 -9.10 -11.43
CA GLN B 164 -35.24 -9.82 -10.27
C GLN B 164 -33.73 -9.97 -10.30
N VAL B 165 -33.10 -9.66 -9.16
CA VAL B 165 -31.66 -9.90 -8.99
C VAL B 165 -31.39 -10.89 -7.85
N LYS B 166 -30.20 -11.48 -7.85
CA LYS B 166 -29.79 -12.41 -6.79
C LYS B 166 -28.34 -12.19 -6.41
N ILE B 167 -28.05 -12.30 -5.11
CA ILE B 167 -26.66 -12.30 -4.67
C ILE B 167 -26.07 -13.60 -5.18
N GLY B 168 -24.96 -13.51 -5.92
CA GLY B 168 -24.47 -14.61 -6.75
C GLY B 168 -23.17 -15.30 -6.37
N ASP B 169 -22.56 -14.89 -5.26
CA ASP B 169 -21.29 -15.49 -4.83
C ASP B 169 -21.06 -15.26 -3.37
N PHE B 170 -20.47 -16.23 -2.70
CA PHE B 170 -20.29 -16.22 -1.26
C PHE B 170 -18.88 -16.63 -0.85
N GLY B 171 -17.92 -16.37 -1.74
CA GLY B 171 -16.53 -16.75 -1.54
C GLY B 171 -15.81 -16.23 -0.29
N LEU B 172 -16.20 -15.05 0.20
CA LEU B 172 -15.59 -14.47 1.41
C LEU B 172 -16.52 -14.48 2.61
N THR B 173 -17.70 -15.08 2.47
CA THR B 173 -18.70 -15.08 3.53
C THR B 173 -18.24 -15.87 4.77
N LYS B 174 -18.42 -15.27 5.94
CA LYS B 174 -17.97 -15.82 7.21
C LYS B 174 -19.08 -15.79 8.26
N ALA B 175 -19.11 -16.79 9.13
CA ALA B 175 -20.05 -16.79 10.25
C ALA B 175 -19.60 -15.80 11.33
N ILE B 176 -20.54 -15.06 11.91
CA ILE B 176 -20.29 -14.30 13.12
C ILE B 176 -20.67 -15.17 14.30
N GLU B 177 -19.79 -15.24 15.28
CA GLU B 177 -20.04 -16.06 16.47
C GLU B 177 -21.32 -15.61 17.21
N THR B 178 -22.05 -16.57 17.78
CA THR B 178 -23.22 -16.25 18.62
C THR B 178 -22.75 -15.33 19.75
N ASP B 179 -23.55 -14.33 20.06
CA ASP B 179 -23.26 -13.33 21.10
C ASP B 179 -22.17 -12.32 20.72
N LYS B 180 -21.32 -12.63 19.74
CA LYS B 180 -20.31 -11.68 19.25
C LYS B 180 -20.90 -10.86 18.11
N GLU B 181 -20.21 -9.78 17.74
CA GLU B 181 -20.77 -8.80 16.82
C GLU B 181 -20.01 -8.68 15.50
N THR B 184 -13.25 -11.28 12.72
CA THR B 184 -11.94 -10.66 12.53
C THR B 184 -11.19 -11.35 11.41
N VAL B 185 -10.64 -10.56 10.49
CA VAL B 185 -10.04 -11.07 9.28
C VAL B 185 -8.53 -11.19 9.39
N LYS B 186 -7.98 -12.18 8.68
CA LYS B 186 -6.54 -12.43 8.63
C LYS B 186 -6.01 -12.27 7.20
N ASP B 187 -6.51 -13.06 6.25
CA ASP B 187 -6.14 -12.88 4.86
C ASP B 187 -6.89 -11.65 4.32
N ASP B 188 -6.14 -10.61 3.94
CA ASP B 188 -6.74 -9.37 3.43
C ASP B 188 -6.04 -8.82 2.18
N ARG B 189 -5.14 -9.63 1.62
CA ARG B 189 -4.26 -9.22 0.52
C ARG B 189 -5.05 -8.80 -0.72
N ASP B 190 -6.23 -9.36 -0.91
CA ASP B 190 -7.05 -9.08 -2.09
C ASP B 190 -8.41 -8.48 -1.71
N SER B 191 -8.44 -7.67 -0.65
CA SER B 191 -9.67 -6.97 -0.26
C SER B 191 -10.08 -5.94 -1.32
N PRO B 192 -11.40 -5.85 -1.60
CA PRO B 192 -11.95 -4.82 -2.47
C PRO B 192 -12.06 -3.53 -1.67
N VAL B 193 -10.93 -2.85 -1.48
CA VAL B 193 -10.84 -1.80 -0.48
C VAL B 193 -11.77 -0.60 -0.72
N PHE B 194 -12.11 -0.35 -1.97
CA PHE B 194 -12.98 0.79 -2.26
C PHE B 194 -14.47 0.51 -1.94
N TRP B 195 -14.76 -0.73 -1.55
CA TRP B 195 -16.09 -1.12 -1.08
C TRP B 195 -16.15 -1.25 0.42
N TYR B 196 -15.03 -1.06 1.12
CA TYR B 196 -14.92 -1.46 2.53
C TYR B 196 -15.10 -0.32 3.55
N ALA B 197 -15.81 -0.62 4.61
CA ALA B 197 -16.01 0.31 5.70
C ALA B 197 -14.69 0.60 6.43
N PRO B 198 -14.63 1.71 7.17
CA PRO B 198 -13.41 2.06 7.90
C PRO B 198 -12.96 1.00 8.90
N GLU B 199 -13.90 0.46 9.69
CA GLU B 199 -13.56 -0.55 10.68
C GLU B 199 -12.89 -1.78 10.07
N CYS B 200 -13.27 -2.12 8.83
CA CYS B 200 -12.65 -3.20 8.08
C CYS B 200 -11.25 -2.82 7.63
N LEU B 201 -11.13 -1.59 7.13
CA LEU B 201 -9.86 -1.10 6.61
C LEU B 201 -8.83 -0.82 7.70
N MET B 202 -9.30 -0.47 8.89
CA MET B 202 -8.40 -0.04 9.96
C MET B 202 -8.11 -1.16 10.96
N GLN B 203 -9.15 -1.86 11.42
CA GLN B 203 -9.01 -2.90 12.44
C GLN B 203 -9.19 -4.34 11.92
N SER B 204 -9.70 -4.49 10.70
CA SER B 204 -10.00 -5.80 10.11
C SER B 204 -11.15 -6.51 10.83
N LYS B 205 -12.10 -5.74 11.36
CA LYS B 205 -13.31 -6.30 11.95
C LYS B 205 -14.48 -6.16 10.97
N PHE B 206 -15.29 -7.20 10.85
CA PHE B 206 -16.45 -7.21 9.95
C PHE B 206 -17.77 -7.38 10.65
N TYR B 207 -18.60 -6.34 10.61
CA TYR B 207 -19.92 -6.36 11.19
C TYR B 207 -20.94 -6.48 10.07
N ILE B 208 -22.17 -6.82 10.43
CA ILE B 208 -23.32 -6.70 9.52
C ILE B 208 -23.36 -5.28 8.97
N ALA B 209 -23.14 -4.30 9.87
CA ALA B 209 -23.06 -2.89 9.48
C ALA B 209 -22.00 -2.63 8.42
N SER B 210 -20.95 -3.45 8.40
CA SER B 210 -19.92 -3.33 7.37
C SER B 210 -20.44 -3.76 5.98
N ASP B 211 -21.32 -4.76 5.95
CA ASP B 211 -22.03 -5.10 4.71
C ASP B 211 -22.96 -3.97 4.28
N VAL B 212 -23.55 -3.25 5.23
CA VAL B 212 -24.42 -2.12 4.89
C VAL B 212 -23.63 -1.07 4.14
N TRP B 213 -22.42 -0.80 4.61
CA TRP B 213 -21.51 0.12 3.97
C TRP B 213 -21.21 -0.29 2.55
N SER B 214 -20.88 -1.56 2.37
CA SER B 214 -20.62 -2.10 1.03
C SER B 214 -21.85 -1.99 0.15
N PHE B 215 -23.01 -2.18 0.75
CA PHE B 215 -24.24 -2.04 -0.01
C PHE B 215 -24.36 -0.62 -0.58
N GLY B 216 -24.06 0.38 0.24
CA GLY B 216 -24.07 1.78 -0.20
C GLY B 216 -23.25 2.01 -1.46
N VAL B 217 -22.08 1.39 -1.51
CA VAL B 217 -21.19 1.51 -2.67
C VAL B 217 -21.75 0.75 -3.87
N THR B 218 -22.38 -0.41 -3.62
CA THR B 218 -23.01 -1.19 -4.65
C THR B 218 -24.19 -0.42 -5.25
N LEU B 219 -24.93 0.26 -4.38
CA LEU B 219 -26.03 1.13 -4.82
C LEU B 219 -25.52 2.25 -5.72
N HIS B 220 -24.34 2.78 -5.39
CA HIS B 220 -23.72 3.76 -6.25
C HIS B 220 -23.47 3.17 -7.61
N GLU B 221 -22.92 1.96 -7.66
CA GLU B 221 -22.65 1.32 -8.94
C GLU B 221 -23.91 1.11 -9.75
N LEU B 222 -24.96 0.64 -9.07
CA LEU B 222 -26.24 0.37 -9.70
C LEU B 222 -26.79 1.66 -10.34
N LEU B 223 -26.72 2.75 -9.60
CA LEU B 223 -27.22 4.04 -10.05
C LEU B 223 -26.41 4.61 -11.22
N THR B 224 -25.13 4.22 -11.32
CA THR B 224 -24.27 4.63 -12.45
C THR B 224 -24.23 3.56 -13.56
N TYR B 225 -25.15 2.59 -13.49
CA TYR B 225 -25.24 1.54 -14.46
C TYR B 225 -23.91 0.83 -14.65
N CYS B 226 -23.14 0.74 -13.55
CA CYS B 226 -21.86 0.05 -13.56
C CYS B 226 -20.92 0.52 -14.68
N ASP B 227 -20.96 1.80 -15.03
CA ASP B 227 -20.04 2.25 -16.07
C ASP B 227 -18.64 2.34 -15.47
N SER B 228 -17.67 1.83 -16.21
CA SER B 228 -16.31 1.69 -15.69
C SER B 228 -15.70 3.03 -15.28
N ASP B 229 -16.02 4.10 -16.00
CA ASP B 229 -15.47 5.41 -15.70
C ASP B 229 -16.14 6.11 -14.52
N SER B 230 -17.20 5.50 -14.00
CA SER B 230 -17.84 5.98 -12.77
C SER B 230 -17.70 4.98 -11.61
N SER B 231 -16.87 3.95 -11.78
CA SER B 231 -16.77 2.92 -10.76
C SER B 231 -16.17 3.49 -9.47
N PRO B 232 -16.53 2.89 -8.32
CA PRO B 232 -16.05 3.37 -7.02
C PRO B 232 -14.52 3.48 -6.97
N MET B 233 -13.82 2.58 -7.65
CA MET B 233 -12.36 2.64 -7.70
C MET B 233 -11.93 3.87 -8.50
N ALA B 234 -12.38 3.95 -9.75
CA ALA B 234 -12.07 5.10 -10.63
C ALA B 234 -12.34 6.45 -9.97
N LEU B 235 -13.45 6.57 -9.25
CA LEU B 235 -13.79 7.83 -8.57
C LEU B 235 -12.94 8.07 -7.33
N PHE B 236 -12.71 7.02 -6.55
CA PHE B 236 -11.85 7.14 -5.37
C PHE B 236 -10.40 7.46 -5.76
N LEU B 237 -9.88 6.83 -6.81
CA LEU B 237 -8.52 7.09 -7.28
C LEU B 237 -8.36 8.49 -7.88
N LYS B 238 -9.49 9.11 -8.24
CA LYS B 238 -9.54 10.51 -8.63
C LYS B 238 -9.45 11.40 -7.39
N MET B 239 -10.23 11.06 -6.36
CA MET B 239 -10.29 11.86 -5.13
C MET B 239 -8.97 11.87 -4.36
N ILE B 240 -8.29 10.72 -4.28
CA ILE B 240 -7.08 10.59 -3.44
C ILE B 240 -5.77 10.64 -4.22
N GLY B 241 -5.81 10.26 -5.48
CA GLY B 241 -4.61 10.17 -6.31
C GLY B 241 -4.39 8.74 -6.77
N PRO B 242 -4.13 8.53 -8.07
CA PRO B 242 -3.96 7.19 -8.64
C PRO B 242 -2.54 6.59 -8.61
N THR B 243 -1.58 7.27 -7.99
CA THR B 243 -0.18 6.85 -8.03
C THR B 243 0.46 6.84 -6.63
N HIS B 244 -0.25 6.28 -5.65
CA HIS B 244 0.25 6.18 -4.27
C HIS B 244 0.70 4.79 -3.88
N GLY B 245 0.62 3.83 -4.82
CA GLY B 245 1.02 2.45 -4.57
C GLY B 245 0.51 1.90 -3.25
N GLN B 246 1.44 1.48 -2.39
CA GLN B 246 1.11 0.86 -1.11
C GLN B 246 0.53 1.83 -0.08
N MET B 247 0.60 3.14 -0.36
CA MET B 247 -0.01 4.12 0.53
C MET B 247 -1.48 4.37 0.17
N THR B 248 -1.98 3.76 -0.90
CA THR B 248 -3.38 3.98 -1.32
C THR B 248 -4.37 3.89 -0.14
N VAL B 249 -4.36 2.77 0.60
CA VAL B 249 -5.40 2.54 1.60
C VAL B 249 -5.37 3.52 2.77
N THR B 250 -4.18 3.92 3.21
CA THR B 250 -4.07 4.95 4.24
C THR B 250 -4.63 6.26 3.69
N ARG B 251 -4.25 6.55 2.45
CA ARG B 251 -4.79 7.71 1.72
C ARG B 251 -6.31 7.64 1.71
N LEU B 252 -6.86 6.48 1.36
CA LEU B 252 -8.30 6.24 1.42
C LEU B 252 -8.88 6.41 2.82
N VAL B 253 -8.25 5.79 3.83
CA VAL B 253 -8.75 5.86 5.20
C VAL B 253 -8.85 7.31 5.69
N ASN B 254 -7.86 8.11 5.34
CA ASN B 254 -7.85 9.52 5.73
C ASN B 254 -8.98 10.30 5.08
N THR B 255 -9.15 10.15 3.77
CA THR B 255 -10.27 10.74 3.04
C THR B 255 -11.60 10.49 3.74
N LEU B 256 -11.84 9.23 4.10
CA LEU B 256 -13.08 8.84 4.77
C LEU B 256 -13.19 9.44 6.19
N LYS B 257 -12.04 9.59 6.84
CA LYS B 257 -11.99 10.23 8.16
C LYS B 257 -12.39 11.71 8.06
N GLU B 258 -11.87 12.39 7.04
CA GLU B 258 -12.20 13.79 6.81
C GLU B 258 -13.70 14.00 6.58
N GLY B 259 -14.37 12.96 6.06
CA GLY B 259 -15.81 13.00 5.82
C GLY B 259 -16.17 12.95 4.35
N LYS B 260 -15.16 12.79 3.49
CA LYS B 260 -15.38 12.73 2.05
C LYS B 260 -16.00 11.39 1.64
N ARG B 261 -17.03 11.47 0.81
CA ARG B 261 -17.70 10.28 0.28
C ARG B 261 -17.85 10.39 -1.22
N LEU B 262 -18.20 9.28 -1.86
CA LEU B 262 -18.50 9.27 -3.28
C LEU B 262 -19.63 10.25 -3.54
N PRO B 263 -19.59 10.93 -4.69
CA PRO B 263 -20.58 11.96 -4.98
C PRO B 263 -21.91 11.37 -5.43
N CYS B 264 -22.93 12.23 -5.50
CA CYS B 264 -24.25 11.83 -6.01
C CYS B 264 -24.13 11.44 -7.47
N PRO B 265 -24.60 10.23 -7.82
CA PRO B 265 -24.65 9.86 -9.23
C PRO B 265 -25.49 10.83 -10.04
N PRO B 266 -25.16 10.99 -11.33
CA PRO B 266 -25.97 11.78 -12.22
C PRO B 266 -27.40 11.27 -12.22
N ASN B 267 -28.35 12.20 -12.23
CA ASN B 267 -29.77 11.87 -12.25
C ASN B 267 -30.32 11.18 -10.99
N CYS B 268 -29.51 11.07 -9.94
CA CYS B 268 -29.97 10.41 -8.73
C CYS B 268 -30.58 11.42 -7.79
N PRO B 269 -31.86 11.26 -7.46
CA PRO B 269 -32.54 12.23 -6.59
C PRO B 269 -31.94 12.27 -5.19
N ASP B 270 -31.98 13.44 -4.57
CA ASP B 270 -31.31 13.61 -3.28
C ASP B 270 -31.84 12.65 -2.22
N GLU B 271 -33.16 12.45 -2.18
CA GLU B 271 -33.75 11.49 -1.24
C GLU B 271 -33.19 10.06 -1.41
N VAL B 272 -32.78 9.68 -2.61
CA VAL B 272 -32.11 8.38 -2.81
C VAL B 272 -30.69 8.48 -2.27
N TYR B 273 -30.01 9.57 -2.60
CA TYR B 273 -28.63 9.81 -2.16
C TYR B 273 -28.50 9.86 -0.64
N GLN B 274 -29.52 10.38 0.04
CA GLN B 274 -29.50 10.43 1.50
C GLN B 274 -29.57 9.02 2.11
N LEU B 275 -30.39 8.15 1.53
CA LEU B 275 -30.41 6.75 1.95
C LEU B 275 -29.03 6.14 1.78
N MET B 276 -28.35 6.50 0.69
CA MET B 276 -27.01 6.00 0.42
C MET B 276 -26.01 6.53 1.45
N ARG B 277 -26.11 7.80 1.78
CA ARG B 277 -25.19 8.41 2.76
C ARG B 277 -25.34 7.81 4.16
N LYS B 278 -26.54 7.35 4.52
CA LYS B 278 -26.74 6.67 5.80
C LYS B 278 -26.01 5.32 5.87
N CYS B 279 -25.69 4.74 4.72
CA CYS B 279 -24.88 3.52 4.64
C CYS B 279 -23.44 3.79 5.05
N TRP B 280 -23.02 5.04 4.94
CA TRP B 280 -21.62 5.39 5.07
C TRP B 280 -21.27 6.26 6.27
N GLU B 281 -22.05 6.14 7.35
CA GLU B 281 -21.70 6.79 8.60
C GLU B 281 -20.39 6.20 9.08
N PHE B 282 -19.42 7.04 9.43
CA PHE B 282 -18.09 6.55 9.78
C PHE B 282 -18.14 5.44 10.84
N GLN B 283 -19.06 5.56 11.79
CA GLN B 283 -19.19 4.60 12.88
C GLN B 283 -20.25 3.51 12.59
N PRO B 284 -19.85 2.22 12.69
CA PRO B 284 -20.75 1.08 12.44
C PRO B 284 -22.08 1.16 13.17
N SER B 285 -22.05 1.56 14.44
CA SER B 285 -23.26 1.67 15.25
C SER B 285 -24.22 2.77 14.76
N ASN B 286 -23.69 3.78 14.06
CA ASN B 286 -24.51 4.88 13.52
C ASN B 286 -25.03 4.64 12.09
N ARG B 287 -24.84 3.44 11.55
CA ARG B 287 -25.31 3.15 10.20
C ARG B 287 -26.74 2.65 10.16
N THR B 288 -27.39 2.87 9.02
CA THR B 288 -28.72 2.34 8.80
C THR B 288 -28.64 0.81 8.79
N SER B 289 -29.79 0.16 8.85
CA SER B 289 -29.88 -1.28 8.75
C SER B 289 -30.45 -1.64 7.38
N PHE B 290 -30.46 -2.93 7.07
CA PHE B 290 -31.05 -3.35 5.80
C PHE B 290 -32.55 -3.18 5.83
N GLN B 291 -33.20 -3.48 6.95
CA GLN B 291 -34.65 -3.30 7.07
C GLN B 291 -35.07 -1.82 6.90
N ASN B 292 -34.26 -0.90 7.39
CA ASN B 292 -34.57 0.51 7.26
C ASN B 292 -34.39 0.99 5.82
N LEU B 293 -33.37 0.48 5.13
CA LEU B 293 -33.18 0.76 3.70
C LEU B 293 -34.38 0.27 2.88
N ILE B 294 -34.85 -0.94 3.20
CA ILE B 294 -36.02 -1.51 2.54
C ILE B 294 -37.24 -0.60 2.74
N GLU B 295 -37.47 -0.17 3.98
CA GLU B 295 -38.54 0.80 4.27
C GLU B 295 -38.37 2.08 3.46
N GLY B 296 -37.17 2.65 3.49
CA GLY B 296 -36.84 3.87 2.72
C GLY B 296 -37.14 3.72 1.24
N PHE B 297 -36.64 2.66 0.62
CA PHE B 297 -36.87 2.45 -0.82
C PHE B 297 -38.34 2.19 -1.10
N GLU B 298 -38.99 1.41 -0.25
CA GLU B 298 -40.40 1.09 -0.47
C GLU B 298 -41.29 2.33 -0.38
N ALA B 299 -40.91 3.29 0.46
CA ALA B 299 -41.62 4.55 0.58
C ALA B 299 -41.47 5.39 -0.70
N LEU B 300 -40.29 5.35 -1.30
CA LEU B 300 -40.04 6.09 -2.54
C LEU B 300 -40.77 5.45 -3.73
N LEU B 301 -40.96 4.15 -3.67
CA LEU B 301 -41.63 3.43 -4.75
C LEU B 301 -43.15 3.63 -4.74
N LYS B 302 -43.73 3.85 -3.57
CA LYS B 302 -45.17 4.05 -3.43
C LYS B 302 -45.58 5.48 -3.77
#